data_1VOK
#
_entry.id   1VOK
#
_cell.length_a   105.000
_cell.length_b   105.000
_cell.length_c   215.000
_cell.angle_alpha   90.00
_cell.angle_beta   90.00
_cell.angle_gamma   90.00
#
_symmetry.space_group_name_H-M   'I 41 2 2'
#
loop_
_entity.id
_entity.type
_entity.pdbx_description
1 polymer 'TATA-BOX-BINDING PROTEIN'
2 non-polymer 'SULFATE ION'
3 water water
#
_entity_poly.entity_id   1
_entity_poly.type   'polypeptide(L)'
_entity_poly.pdbx_seq_one_letter_code
;MTDQGLEGSNPVDLSKHPSGIVPTLQNIVSTVNLDCKLDLKAIALQARNAEYNPKRFAAVIMRIREPKTTALIFASGKMV
CTGAKSEDFSKMAARKYARIVQKLGFPAKFKDFKIQNIVGSCDVKFPIRLEGLAYSHAAFSSYEPELFPGLIYRMKVPKI
VLLIFVSGKIVITGAKMRDETYKAFENIYPVLSEFRKIQQ
;
_entity_poly.pdbx_strand_id   A,B
#
loop_
_chem_comp.id
_chem_comp.type
_chem_comp.name
_chem_comp.formula
SO4 non-polymer 'SULFATE ION' 'O4 S -2'
#
# COMPACT_ATOMS: atom_id res chain seq x y z
N GLU A 7 27.47 -4.37 33.78
CA GLU A 7 27.35 -4.31 32.29
C GLU A 7 25.89 -4.19 31.84
N GLY A 8 25.37 -2.98 31.90
CA GLY A 8 24.00 -2.74 31.50
C GLY A 8 23.78 -2.60 30.01
N SER A 9 24.12 -3.62 29.21
CA SER A 9 23.90 -3.56 27.77
C SER A 9 22.39 -3.46 27.67
N ASN A 10 21.88 -2.77 26.67
CA ASN A 10 20.45 -2.57 26.59
C ASN A 10 19.64 -3.50 25.69
N PRO A 11 18.53 -4.02 26.20
CA PRO A 11 17.64 -4.93 25.47
C PRO A 11 17.30 -4.36 24.11
N VAL A 12 17.02 -3.06 24.07
CA VAL A 12 16.68 -2.39 22.83
C VAL A 12 17.67 -1.22 22.66
N ASP A 13 18.25 -1.13 21.47
CA ASP A 13 19.17 -0.08 21.15
C ASP A 13 18.38 1.10 20.61
N LEU A 14 18.23 2.13 21.42
CA LEU A 14 17.49 3.30 21.03
C LEU A 14 18.16 4.09 19.94
N SER A 15 19.37 3.72 19.55
CA SER A 15 20.03 4.46 18.49
C SER A 15 19.42 3.95 17.21
N LYS A 16 19.14 2.65 17.18
CA LYS A 16 18.52 1.99 16.03
C LYS A 16 16.98 2.02 16.10
N HIS A 17 16.43 2.14 17.32
CA HIS A 17 14.99 2.15 17.54
C HIS A 17 14.61 3.20 18.53
N PRO A 18 14.71 4.49 18.15
CA PRO A 18 14.36 5.60 19.05
C PRO A 18 12.99 5.48 19.73
N SER A 19 12.04 4.87 19.04
CA SER A 19 10.70 4.71 19.58
C SER A 19 10.64 3.71 20.68
N GLY A 20 11.72 2.95 20.85
CA GLY A 20 11.75 1.89 21.86
C GLY A 20 10.90 0.66 21.47
N ILE A 21 10.41 0.62 20.23
CA ILE A 21 9.59 -0.50 19.75
C ILE A 21 10.30 -1.18 18.57
N VAL A 22 10.33 -2.51 18.61
CA VAL A 22 10.99 -3.28 17.53
C VAL A 22 9.93 -4.09 16.78
N PRO A 23 9.71 -3.78 15.49
CA PRO A 23 8.72 -4.50 14.66
C PRO A 23 9.10 -5.98 14.48
N THR A 24 8.08 -6.82 14.26
CA THR A 24 8.25 -8.25 14.05
C THR A 24 8.22 -8.53 12.56
N LEU A 25 9.13 -9.38 12.09
CA LEU A 25 9.17 -9.79 10.68
C LEU A 25 8.20 -10.96 10.59
N GLN A 26 7.19 -10.84 9.74
CA GLN A 26 6.16 -11.85 9.62
C GLN A 26 6.34 -12.80 8.43
N ASN A 27 7.01 -12.34 7.38
CA ASN A 27 7.17 -13.19 6.21
C ASN A 27 8.22 -12.58 5.36
N ILE A 28 9.08 -13.44 4.81
CA ILE A 28 10.14 -13.03 3.91
C ILE A 28 9.88 -13.89 2.66
N VAL A 29 9.91 -13.31 1.46
CA VAL A 29 9.66 -14.07 0.24
C VAL A 29 10.92 -13.90 -0.54
N SER A 30 11.46 -14.99 -1.07
CA SER A 30 12.70 -14.90 -1.86
C SER A 30 12.53 -15.71 -3.13
N THR A 31 13.41 -15.50 -4.11
CA THR A 31 13.34 -16.29 -5.34
C THR A 31 14.76 -16.68 -5.69
N VAL A 32 14.91 -17.77 -6.43
CA VAL A 32 16.24 -18.19 -6.89
C VAL A 32 16.05 -18.87 -8.23
N ASN A 33 17.08 -18.86 -9.07
CA ASN A 33 16.96 -19.49 -10.38
C ASN A 33 17.61 -20.86 -10.32
N LEU A 34 16.81 -21.90 -10.56
CA LEU A 34 17.31 -23.26 -10.54
C LEU A 34 18.10 -23.54 -11.80
N ASP A 35 18.05 -22.60 -12.75
CA ASP A 35 18.82 -22.70 -13.96
C ASP A 35 18.65 -23.99 -14.78
N CYS A 36 17.39 -24.37 -15.01
CA CYS A 36 17.08 -25.54 -15.86
C CYS A 36 15.57 -25.60 -15.99
N LYS A 37 15.10 -26.09 -17.14
CA LYS A 37 13.68 -26.24 -17.41
C LYS A 37 13.28 -27.45 -16.61
N LEU A 38 12.06 -27.44 -16.12
CA LEU A 38 11.61 -28.53 -15.29
C LEU A 38 10.31 -29.17 -15.71
N ASP A 39 10.32 -30.49 -15.70
CA ASP A 39 9.16 -31.28 -16.04
C ASP A 39 8.33 -31.27 -14.76
N LEU A 40 7.32 -30.41 -14.73
CA LEU A 40 6.44 -30.26 -13.57
C LEU A 40 5.59 -31.50 -13.25
N LYS A 41 5.09 -32.19 -14.25
CA LYS A 41 4.32 -33.39 -14.00
C LYS A 41 5.19 -34.44 -13.29
N ALA A 42 6.45 -34.57 -13.68
CA ALA A 42 7.36 -35.55 -13.07
C ALA A 42 7.73 -35.25 -11.64
N ILE A 43 8.06 -33.99 -11.37
CA ILE A 43 8.45 -33.53 -10.02
C ILE A 43 7.26 -33.78 -9.09
N ALA A 44 6.06 -33.45 -9.56
CA ALA A 44 4.85 -33.64 -8.79
C ALA A 44 4.68 -35.12 -8.49
N LEU A 45 4.86 -35.95 -9.52
CA LEU A 45 4.74 -37.40 -9.37
C LEU A 45 5.79 -38.01 -8.47
N GLN A 46 7.03 -37.59 -8.66
CA GLN A 46 8.15 -38.13 -7.90
C GLN A 46 8.41 -37.66 -6.47
N ALA A 47 7.96 -36.44 -6.12
CA ALA A 47 8.16 -35.90 -4.77
C ALA A 47 6.98 -36.15 -3.86
N ARG A 48 7.21 -36.61 -2.64
CA ARG A 48 6.09 -36.86 -1.73
C ARG A 48 5.47 -35.54 -1.31
N ASN A 49 6.32 -34.56 -1.00
CA ASN A 49 5.85 -33.25 -0.55
C ASN A 49 5.40 -32.24 -1.61
N ALA A 50 4.80 -32.73 -2.70
CA ALA A 50 4.39 -31.87 -3.79
C ALA A 50 2.96 -31.96 -4.26
N GLU A 51 2.45 -30.81 -4.68
CA GLU A 51 1.10 -30.62 -5.18
C GLU A 51 1.26 -29.89 -6.52
N TYR A 52 0.47 -30.26 -7.52
CA TYR A 52 0.54 -29.61 -8.81
C TYR A 52 -0.74 -29.68 -9.57
N ASN A 53 -1.48 -28.57 -9.58
CA ASN A 53 -2.75 -28.50 -10.30
C ASN A 53 -2.57 -27.30 -11.20
N PRO A 54 -2.16 -27.55 -12.44
CA PRO A 54 -1.96 -26.45 -13.38
C PRO A 54 -3.17 -25.64 -13.78
N LYS A 55 -4.36 -26.12 -13.43
CA LYS A 55 -5.58 -25.40 -13.77
C LYS A 55 -5.86 -24.36 -12.68
N ARG A 56 -5.18 -24.51 -11.55
CA ARG A 56 -5.34 -23.60 -10.43
C ARG A 56 -4.06 -22.72 -10.35
N PHE A 57 -2.87 -23.33 -10.46
CA PHE A 57 -1.61 -22.58 -10.41
C PHE A 57 -0.54 -23.29 -11.24
N ALA A 58 0.16 -22.54 -12.08
CA ALA A 58 1.15 -23.11 -12.98
C ALA A 58 2.51 -23.38 -12.38
N ALA A 59 2.52 -24.03 -11.23
CA ALA A 59 3.76 -24.35 -10.55
C ALA A 59 3.47 -25.50 -9.57
N VAL A 60 4.51 -26.24 -9.26
CA VAL A 60 4.43 -27.32 -8.28
C VAL A 60 4.60 -26.63 -6.91
N ILE A 61 3.79 -27.06 -5.93
CA ILE A 61 3.84 -26.52 -4.57
C ILE A 61 4.55 -27.54 -3.69
N MET A 62 5.60 -27.13 -3.02
CA MET A 62 6.34 -28.05 -2.18
C MET A 62 6.29 -27.38 -0.86
N ARG A 63 6.33 -28.15 0.23
CA ARG A 63 6.30 -27.59 1.59
C ARG A 63 7.24 -28.37 2.49
N ILE A 64 7.91 -27.68 3.42
CA ILE A 64 8.80 -28.34 4.36
C ILE A 64 8.38 -27.78 5.70
N ARG A 65 8.84 -28.45 6.76
CA ARG A 65 8.52 -28.04 8.14
C ARG A 65 9.65 -27.28 8.79
N GLU A 66 10.86 -27.41 8.26
CA GLU A 66 11.96 -26.67 8.85
C GLU A 66 12.93 -26.20 7.78
N PRO A 67 12.90 -24.87 7.48
CA PRO A 67 12.06 -23.80 8.04
C PRO A 67 10.61 -23.93 7.51
N LYS A 68 9.57 -23.89 8.38
CA LYS A 68 8.15 -24.00 7.92
C LYS A 68 7.85 -22.97 6.81
N THR A 69 7.83 -23.43 5.55
CA THR A 69 7.68 -22.56 4.40
C THR A 69 6.94 -23.28 3.30
N THR A 70 6.88 -22.63 2.12
CA THR A 70 6.26 -23.18 0.92
C THR A 70 7.12 -22.70 -0.24
N ALA A 71 7.37 -23.56 -1.24
CA ALA A 71 8.13 -23.18 -2.42
C ALA A 71 7.25 -23.41 -3.64
N LEU A 72 7.28 -22.47 -4.57
CA LEU A 72 6.49 -22.54 -5.82
C LEU A 72 7.52 -22.71 -6.92
N ILE A 73 7.56 -23.89 -7.52
CA ILE A 73 8.57 -24.21 -8.53
C ILE A 73 7.99 -24.15 -9.91
N PHE A 74 8.48 -23.21 -10.70
CA PHE A 74 7.98 -23.00 -12.06
C PHE A 74 8.77 -23.80 -13.14
N ALA A 75 8.10 -24.07 -14.28
CA ALA A 75 8.70 -24.82 -15.40
C ALA A 75 9.95 -24.20 -15.96
N SER A 76 10.01 -22.87 -15.88
CA SER A 76 11.16 -22.09 -16.34
C SER A 76 12.39 -22.35 -15.45
N GLY A 77 12.16 -22.86 -14.23
CA GLY A 77 13.25 -23.11 -13.32
C GLY A 77 13.31 -22.06 -12.22
N LYS A 78 12.42 -21.08 -12.28
CA LYS A 78 12.36 -20.05 -11.25
C LYS A 78 11.65 -20.69 -10.05
N MET A 79 12.10 -20.38 -8.84
CA MET A 79 11.49 -20.87 -7.62
C MET A 79 11.23 -19.71 -6.65
N VAL A 80 10.02 -19.67 -6.11
CA VAL A 80 9.63 -18.64 -5.14
C VAL A 80 9.53 -19.37 -3.80
N CYS A 81 10.18 -18.82 -2.76
CA CYS A 81 10.14 -19.40 -1.42
C CYS A 81 9.44 -18.42 -0.49
N THR A 82 8.44 -18.87 0.23
CA THR A 82 7.69 -17.99 1.12
C THR A 82 7.42 -18.60 2.50
N GLY A 83 7.22 -17.74 3.52
CA GLY A 83 6.92 -18.26 4.85
C GLY A 83 8.01 -18.10 5.91
N ALA A 84 9.24 -17.91 5.50
CA ALA A 84 10.35 -17.77 6.43
C ALA A 84 10.20 -16.53 7.34
N LYS A 85 10.84 -16.51 8.51
CA LYS A 85 10.74 -15.37 9.45
C LYS A 85 12.01 -14.57 9.48
N SER A 86 13.02 -15.03 8.73
CA SER A 86 14.28 -14.26 8.62
C SER A 86 14.87 -14.52 7.25
N GLU A 87 15.74 -13.62 6.82
CA GLU A 87 16.34 -13.76 5.52
C GLU A 87 17.22 -14.99 5.45
N ASP A 88 17.89 -15.31 6.55
CA ASP A 88 18.76 -16.49 6.62
C ASP A 88 17.86 -17.72 6.47
N PHE A 89 16.70 -17.71 7.13
CA PHE A 89 15.83 -18.84 6.99
C PHE A 89 15.19 -18.95 5.66
N SER A 90 15.03 -17.84 4.94
CA SER A 90 14.42 -17.88 3.60
C SER A 90 15.44 -18.52 2.66
N LYS A 91 16.69 -18.12 2.79
CA LYS A 91 17.76 -18.69 1.99
C LYS A 91 17.98 -20.17 2.36
N MET A 92 18.01 -20.49 3.65
CA MET A 92 18.21 -21.87 4.04
C MET A 92 17.11 -22.77 3.47
N ALA A 93 15.85 -22.34 3.50
CA ALA A 93 14.75 -23.14 2.96
C ALA A 93 14.83 -23.28 1.45
N ALA A 94 15.20 -22.18 0.77
CA ALA A 94 15.35 -22.19 -0.69
C ALA A 94 16.42 -23.26 -1.06
N ARG A 95 17.58 -23.23 -0.40
CA ARG A 95 18.63 -24.27 -0.64
C ARG A 95 18.09 -25.72 -0.44
N LYS A 96 17.30 -25.89 0.61
CA LYS A 96 16.73 -27.17 0.92
C LYS A 96 15.72 -27.60 -0.15
N TYR A 97 14.95 -26.67 -0.71
CA TYR A 97 14.01 -27.07 -1.76
C TYR A 97 14.77 -27.35 -3.03
N ALA A 98 15.79 -26.54 -3.33
CA ALA A 98 16.60 -26.73 -4.54
C ALA A 98 17.36 -28.09 -4.52
N ARG A 99 17.80 -28.49 -3.32
CA ARG A 99 18.50 -29.77 -3.18
C ARG A 99 17.50 -30.92 -3.35
N ILE A 100 16.27 -30.75 -2.88
CA ILE A 100 15.28 -31.78 -3.02
C ILE A 100 15.11 -32.01 -4.48
N VAL A 101 15.07 -30.92 -5.26
CA VAL A 101 14.91 -31.02 -6.71
C VAL A 101 16.11 -31.74 -7.37
N GLN A 102 17.35 -31.41 -6.97
CA GLN A 102 18.51 -32.12 -7.50
C GLN A 102 18.42 -33.60 -7.21
N LYS A 103 18.08 -33.94 -5.96
CA LYS A 103 17.98 -35.34 -5.56
C LYS A 103 16.93 -36.11 -6.30
N LEU A 104 15.98 -35.42 -6.89
CA LEU A 104 14.93 -36.08 -7.67
C LEU A 104 15.51 -36.46 -9.03
N GLY A 105 16.63 -35.82 -9.39
CA GLY A 105 17.28 -36.09 -10.66
C GLY A 105 17.27 -34.95 -11.68
N PHE A 106 16.97 -33.72 -11.26
CA PHE A 106 16.96 -32.58 -12.16
C PHE A 106 18.23 -31.80 -11.86
N PRO A 107 18.91 -31.25 -12.88
CA PRO A 107 20.16 -30.51 -12.67
C PRO A 107 19.97 -29.10 -12.17
N ALA A 108 19.39 -29.00 -10.99
CA ALA A 108 19.09 -27.74 -10.35
C ALA A 108 20.30 -27.05 -9.75
N LYS A 109 20.39 -25.76 -10.02
CA LYS A 109 21.44 -24.92 -9.49
C LYS A 109 20.84 -23.98 -8.42
N PHE A 110 21.57 -22.95 -8.02
CA PHE A 110 21.13 -22.02 -7.00
C PHE A 110 21.72 -20.66 -7.42
N LYS A 111 21.17 -20.05 -8.47
CA LYS A 111 21.72 -18.78 -8.94
C LYS A 111 20.83 -17.57 -8.77
N ASP A 112 21.47 -16.42 -8.55
CA ASP A 112 20.77 -15.13 -8.33
C ASP A 112 19.64 -15.20 -7.31
N PHE A 113 19.94 -15.76 -6.15
CA PHE A 113 18.99 -15.83 -5.04
C PHE A 113 18.80 -14.40 -4.57
N LYS A 114 17.57 -14.03 -4.25
CA LYS A 114 17.35 -12.66 -3.80
C LYS A 114 16.10 -12.58 -3.00
N ILE A 115 16.11 -11.65 -2.03
CA ILE A 115 14.94 -11.39 -1.21
C ILE A 115 14.07 -10.48 -2.08
N GLN A 116 12.79 -10.80 -2.22
CA GLN A 116 11.89 -9.98 -3.01
C GLN A 116 10.99 -9.06 -2.17
N ASN A 117 10.63 -9.50 -0.96
CA ASN A 117 9.74 -8.75 -0.08
C ASN A 117 9.75 -9.27 1.36
N ILE A 118 9.74 -8.36 2.33
CA ILE A 118 9.68 -8.68 3.77
C ILE A 118 8.46 -7.95 4.28
N VAL A 119 7.63 -8.63 5.07
CA VAL A 119 6.41 -8.02 5.66
C VAL A 119 6.65 -8.03 7.18
N GLY A 120 6.45 -6.88 7.82
CA GLY A 120 6.64 -6.76 9.26
C GLY A 120 5.37 -6.17 9.82
N SER A 121 5.15 -6.33 11.12
CA SER A 121 3.99 -5.77 11.79
C SER A 121 4.46 -5.15 13.07
N CYS A 122 3.66 -4.25 13.60
CA CYS A 122 4.04 -3.56 14.81
C CYS A 122 2.78 -3.05 15.47
N ASP A 123 2.73 -3.04 16.79
CA ASP A 123 1.56 -2.48 17.45
C ASP A 123 2.03 -1.37 18.39
N VAL A 124 1.64 -0.12 18.14
CA VAL A 124 2.05 0.99 19.01
C VAL A 124 1.15 1.05 20.25
N LYS A 125 0.04 0.35 20.16
CA LYS A 125 -0.91 0.22 21.26
C LYS A 125 -1.60 1.46 21.82
N PHE A 126 -2.04 2.32 20.92
CA PHE A 126 -2.79 3.52 21.23
C PHE A 126 -3.50 3.79 19.93
N PRO A 127 -4.75 4.30 19.98
CA PRO A 127 -5.58 4.62 18.80
C PRO A 127 -4.97 5.72 18.00
N ILE A 128 -5.25 5.72 16.70
CA ILE A 128 -4.68 6.75 15.83
C ILE A 128 -5.82 7.43 15.07
N ARG A 129 -5.71 8.75 14.93
CA ARG A 129 -6.67 9.55 14.19
C ARG A 129 -6.22 9.55 12.72
N LEU A 130 -6.59 8.54 11.98
CA LEU A 130 -6.17 8.39 10.59
C LEU A 130 -6.64 9.53 9.67
N GLU A 131 -7.82 10.04 9.93
CA GLU A 131 -8.36 11.12 9.11
C GLU A 131 -7.44 12.34 9.19
N GLY A 132 -7.04 12.75 10.40
CA GLY A 132 -6.16 13.90 10.57
C GLY A 132 -4.80 13.65 9.99
N LEU A 133 -4.28 12.46 10.24
CA LEU A 133 -2.98 12.04 9.71
C LEU A 133 -3.01 12.15 8.18
N ALA A 134 -4.04 11.61 7.52
CA ALA A 134 -4.11 11.71 6.06
C ALA A 134 -4.28 13.14 5.51
N TYR A 135 -5.08 13.97 6.17
CA TYR A 135 -5.29 15.36 5.71
C TYR A 135 -3.99 16.14 5.77
N SER A 136 -3.16 15.77 6.72
CA SER A 136 -1.89 16.43 6.92
C SER A 136 -0.73 15.86 6.08
N HIS A 137 -0.94 14.73 5.44
CA HIS A 137 0.11 14.10 4.64
C HIS A 137 -0.50 13.60 3.37
N ALA A 138 -1.24 14.46 2.70
CA ALA A 138 -1.95 14.12 1.49
C ALA A 138 -1.16 13.57 0.33
N ALA A 139 0.10 13.94 0.21
CA ALA A 139 0.87 13.46 -0.91
C ALA A 139 1.33 12.04 -0.72
N PHE A 140 1.23 11.48 0.49
CA PHE A 140 1.72 10.12 0.74
C PHE A 140 0.68 9.18 1.28
N SER A 141 -0.47 9.69 1.70
CA SER A 141 -1.47 8.80 2.23
C SER A 141 -2.84 8.81 1.57
N SER A 142 -3.50 7.66 1.72
CA SER A 142 -4.83 7.39 1.22
C SER A 142 -5.58 6.72 2.35
N TYR A 143 -6.71 7.30 2.72
CA TYR A 143 -7.56 6.78 3.77
C TYR A 143 -8.95 6.94 3.17
N GLU A 144 -9.64 5.83 2.95
CA GLU A 144 -10.97 5.88 2.37
C GLU A 144 -11.71 4.71 3.00
N PRO A 145 -12.19 4.89 4.22
CA PRO A 145 -12.92 3.92 5.03
C PRO A 145 -13.99 3.12 4.30
N GLU A 146 -14.67 3.75 3.36
CA GLU A 146 -15.72 3.03 2.65
C GLU A 146 -15.18 2.10 1.58
N LEU A 147 -13.89 2.16 1.35
CA LEU A 147 -13.34 1.33 0.32
C LEU A 147 -12.40 0.30 0.85
N PHE A 148 -11.74 0.59 1.96
CA PHE A 148 -10.78 -0.35 2.56
C PHE A 148 -10.50 0.16 3.94
N PRO A 149 -10.18 -0.72 4.88
CA PRO A 149 -9.90 -0.21 6.23
C PRO A 149 -8.40 0.17 6.36
N GLY A 150 -8.10 1.15 7.23
CA GLY A 150 -6.70 1.52 7.45
C GLY A 150 -6.24 2.58 6.48
N LEU A 151 -5.08 3.16 6.76
CA LEU A 151 -4.54 4.20 5.93
C LEU A 151 -3.32 3.63 5.18
N ILE A 152 -3.20 3.92 3.89
CA ILE A 152 -2.06 3.44 3.10
C ILE A 152 -1.11 4.61 3.01
N TYR A 153 0.15 4.35 3.37
CA TYR A 153 1.18 5.37 3.35
C TYR A 153 2.33 4.91 2.46
N ARG A 154 2.63 5.67 1.41
CA ARG A 154 3.70 5.30 0.50
C ARG A 154 4.94 6.07 0.89
N MET A 155 5.94 5.37 1.43
CA MET A 155 7.18 6.00 1.85
C MET A 155 8.20 5.93 0.73
N LYS A 156 8.95 7.01 0.59
CA LYS A 156 9.95 7.11 -0.47
C LYS A 156 11.22 6.39 -0.14
N VAL A 157 11.81 6.76 1.02
CA VAL A 157 13.07 6.20 1.55
C VAL A 157 12.91 5.62 2.98
N PRO A 158 12.94 4.30 3.15
CA PRO A 158 13.09 3.25 2.12
C PRO A 158 11.79 3.12 1.34
N LYS A 159 11.82 2.41 0.22
CA LYS A 159 10.64 2.26 -0.65
C LYS A 159 9.65 1.29 -0.04
N ILE A 160 8.89 1.77 0.91
CA ILE A 160 7.99 0.92 1.64
C ILE A 160 6.54 1.39 1.51
N VAL A 161 5.59 0.48 1.69
CA VAL A 161 4.20 0.87 1.76
C VAL A 161 3.76 0.45 3.17
N LEU A 162 3.17 1.35 3.94
CA LEU A 162 2.67 1.00 5.28
C LEU A 162 1.15 0.95 5.32
N LEU A 163 0.61 0.14 6.20
CA LEU A 163 -0.82 0.04 6.40
C LEU A 163 -0.95 0.41 7.83
N ILE A 164 -1.65 1.51 8.13
CA ILE A 164 -1.80 1.99 9.51
C ILE A 164 -3.26 1.89 9.91
N PHE A 165 -3.56 1.08 10.93
CA PHE A 165 -4.94 0.92 11.39
C PHE A 165 -5.31 1.76 12.56
N VAL A 166 -6.60 2.00 12.71
CA VAL A 166 -7.08 2.84 13.79
C VAL A 166 -6.66 2.38 15.16
N SER A 167 -6.45 1.08 15.33
CA SER A 167 -6.04 0.49 16.60
C SER A 167 -4.58 0.68 17.03
N GLY A 168 -3.74 1.25 16.16
CA GLY A 168 -2.35 1.35 16.52
C GLY A 168 -1.53 0.22 15.87
N LYS A 169 -2.20 -0.74 15.23
CA LYS A 169 -1.51 -1.82 14.51
C LYS A 169 -1.03 -1.38 13.16
N ILE A 170 0.23 -1.67 12.86
CA ILE A 170 0.81 -1.30 11.59
C ILE A 170 1.47 -2.46 10.83
N VAL A 171 1.31 -2.44 9.50
CA VAL A 171 1.89 -3.46 8.63
C VAL A 171 2.89 -2.69 7.73
N ILE A 172 4.11 -3.21 7.64
CA ILE A 172 5.19 -2.57 6.89
C ILE A 172 5.60 -3.55 5.82
N THR A 173 5.34 -3.20 4.56
CA THR A 173 5.65 -4.08 3.45
C THR A 173 6.59 -3.45 2.42
N GLY A 174 7.26 -4.28 1.65
CA GLY A 174 8.15 -3.78 0.62
C GLY A 174 9.64 -3.76 0.89
N ALA A 175 10.06 -4.09 2.13
CA ALA A 175 11.50 -4.09 2.44
C ALA A 175 12.23 -5.24 1.74
N LYS A 176 13.53 -5.05 1.54
CA LYS A 176 14.38 -6.06 0.91
C LYS A 176 15.35 -6.59 1.96
N MET A 177 15.37 -5.94 3.13
CA MET A 177 16.25 -6.34 4.24
C MET A 177 15.68 -5.85 5.55
N ARG A 178 15.89 -6.61 6.63
CA ARG A 178 15.42 -6.31 7.98
C ARG A 178 15.43 -4.84 8.40
N ASP A 179 16.58 -4.18 8.27
CA ASP A 179 16.74 -2.75 8.66
C ASP A 179 15.84 -1.73 8.00
N GLU A 180 15.42 -2.01 6.77
CA GLU A 180 14.53 -1.14 6.05
C GLU A 180 13.18 -1.14 6.74
N THR A 181 12.76 -2.31 7.18
CA THR A 181 11.50 -2.46 7.88
C THR A 181 11.60 -1.66 9.15
N TYR A 182 12.76 -1.69 9.81
CA TYR A 182 12.95 -0.95 11.06
C TYR A 182 13.00 0.54 10.82
N LYS A 183 13.73 0.98 9.81
CA LYS A 183 13.79 2.39 9.52
C LYS A 183 12.44 2.98 9.11
N ALA A 184 11.64 2.22 8.37
CA ALA A 184 10.34 2.68 7.89
C ALA A 184 9.48 2.99 9.08
N PHE A 185 9.53 2.09 10.04
CA PHE A 185 8.73 2.27 11.23
C PHE A 185 9.18 3.48 12.05
N GLU A 186 10.48 3.65 12.18
CA GLU A 186 10.98 4.75 12.96
C GLU A 186 10.63 6.06 12.29
N ASN A 187 10.69 6.08 10.96
CA ASN A 187 10.37 7.27 10.19
C ASN A 187 8.91 7.67 10.42
N ILE A 188 8.01 6.70 10.51
CA ILE A 188 6.59 7.02 10.70
C ILE A 188 6.15 7.22 12.15
N TYR A 189 6.95 6.74 13.09
CA TYR A 189 6.58 6.82 14.49
C TYR A 189 6.16 8.19 15.07
N PRO A 190 6.95 9.25 14.82
CA PRO A 190 6.63 10.57 15.33
C PRO A 190 5.31 11.04 14.83
N VAL A 191 4.94 10.66 13.61
CA VAL A 191 3.65 11.09 13.08
C VAL A 191 2.51 10.23 13.63
N LEU A 192 2.77 8.98 13.97
CA LEU A 192 1.69 8.18 14.54
C LEU A 192 1.37 8.80 15.92
N SER A 193 2.45 9.11 16.61
CA SER A 193 2.43 9.70 17.92
C SER A 193 1.71 11.05 17.85
N GLU A 194 2.03 11.88 16.88
CA GLU A 194 1.39 13.17 16.71
C GLU A 194 -0.11 13.01 16.54
N PHE A 195 -0.54 11.87 16.03
CA PHE A 195 -1.96 11.65 15.83
C PHE A 195 -2.65 10.66 16.71
N ARG A 196 -2.07 10.46 17.88
CA ARG A 196 -2.62 9.56 18.87
C ARG A 196 -4.00 10.08 19.19
N LYS A 197 -4.97 9.19 19.26
CA LYS A 197 -6.33 9.59 19.58
C LYS A 197 -6.37 9.88 21.07
N ILE A 198 -6.39 11.17 21.41
CA ILE A 198 -6.45 11.71 22.77
C ILE A 198 -7.55 11.14 23.69
N VAL B 12 -15.79 2.87 -23.45
CA VAL B 12 -15.30 4.30 -23.33
C VAL B 12 -13.93 4.53 -23.94
N ASP B 13 -13.69 3.88 -25.09
CA ASP B 13 -12.44 3.97 -25.86
C ASP B 13 -11.32 3.00 -25.46
N LEU B 14 -11.06 2.09 -26.39
CA LEU B 14 -10.09 1.03 -26.26
C LEU B 14 -8.61 1.34 -26.40
N SER B 15 -8.23 2.57 -26.66
CA SER B 15 -6.80 2.82 -26.71
C SER B 15 -6.44 3.48 -25.39
N LYS B 16 -7.44 4.07 -24.73
CA LYS B 16 -7.21 4.67 -23.42
C LYS B 16 -7.49 3.54 -22.42
N HIS B 17 -8.49 2.70 -22.72
CA HIS B 17 -8.86 1.58 -21.86
C HIS B 17 -8.88 0.22 -22.58
N PRO B 18 -7.71 -0.32 -22.93
CA PRO B 18 -7.74 -1.61 -23.62
C PRO B 18 -8.60 -2.64 -22.92
N SER B 19 -8.67 -2.60 -21.61
CA SER B 19 -9.44 -3.57 -20.87
C SER B 19 -10.93 -3.44 -21.13
N GLY B 20 -11.32 -2.25 -21.58
CA GLY B 20 -12.71 -1.97 -21.84
C GLY B 20 -13.47 -1.70 -20.56
N ILE B 21 -12.74 -1.56 -19.47
CA ILE B 21 -13.35 -1.27 -18.15
C ILE B 21 -12.78 0.10 -17.80
N VAL B 22 -13.60 0.95 -17.19
CA VAL B 22 -13.09 2.25 -16.81
C VAL B 22 -13.21 2.42 -15.32
N PRO B 23 -12.11 2.68 -14.66
CA PRO B 23 -12.15 2.86 -13.21
C PRO B 23 -12.98 4.09 -12.80
N THR B 24 -13.66 4.01 -11.67
CA THR B 24 -14.46 5.10 -11.15
C THR B 24 -13.66 5.90 -10.13
N LEU B 25 -13.49 7.22 -10.36
CA LEU B 25 -12.75 8.05 -9.40
C LEU B 25 -13.64 8.27 -8.19
N GLN B 26 -13.17 7.90 -7.02
CA GLN B 26 -13.93 8.01 -5.78
C GLN B 26 -13.65 9.24 -4.91
N ASN B 27 -12.46 9.79 -4.97
CA ASN B 27 -12.13 10.95 -4.13
C ASN B 27 -10.88 11.56 -4.70
N ILE B 28 -10.74 12.87 -4.53
CA ILE B 28 -9.59 13.63 -5.03
C ILE B 28 -9.18 14.53 -3.89
N VAL B 29 -7.88 14.63 -3.62
CA VAL B 29 -7.42 15.51 -2.56
C VAL B 29 -6.54 16.54 -3.25
N SER B 30 -6.80 17.82 -3.03
CA SER B 30 -5.97 18.83 -3.66
C SER B 30 -5.48 19.83 -2.62
N THR B 31 -4.47 20.62 -2.98
CA THR B 31 -3.98 21.65 -2.05
C THR B 31 -3.80 22.94 -2.80
N VAL B 32 -3.76 24.02 -2.04
CA VAL B 32 -3.52 25.34 -2.57
C VAL B 32 -3.00 26.11 -1.38
N ASN B 33 -2.21 27.14 -1.67
CA ASN B 33 -1.64 27.98 -0.64
C ASN B 33 -2.37 29.32 -0.63
N LEU B 34 -3.05 29.64 0.47
CA LEU B 34 -3.77 30.89 0.54
C LEU B 34 -2.83 32.12 0.62
N ASP B 35 -1.53 31.85 0.80
CA ASP B 35 -0.50 32.88 0.78
C ASP B 35 -0.56 33.97 1.87
N CYS B 36 -0.83 33.59 3.11
CA CYS B 36 -0.93 34.55 4.22
C CYS B 36 -1.24 33.80 5.52
N LYS B 37 -0.69 34.25 6.66
CA LYS B 37 -0.96 33.56 7.93
C LYS B 37 -2.45 33.66 8.20
N LEU B 38 -3.02 32.84 9.05
CA LEU B 38 -4.46 32.96 9.26
C LEU B 38 -4.87 32.71 10.70
N ASP B 39 -5.83 33.49 11.17
CA ASP B 39 -6.33 33.37 12.52
C ASP B 39 -7.38 32.32 12.53
N LEU B 40 -7.04 31.14 13.04
CA LEU B 40 -7.99 30.03 13.10
C LEU B 40 -9.11 30.35 14.08
N LYS B 41 -8.76 31.02 15.18
CA LYS B 41 -9.74 31.43 16.20
C LYS B 41 -10.80 32.33 15.54
N ALA B 42 -10.32 33.30 14.75
CA ALA B 42 -11.19 34.24 14.06
C ALA B 42 -12.11 33.57 13.08
N ILE B 43 -11.52 32.83 12.14
CA ILE B 43 -12.28 32.18 11.09
C ILE B 43 -13.35 31.25 11.67
N ALA B 44 -13.02 30.62 12.79
CA ALA B 44 -13.95 29.71 13.41
C ALA B 44 -15.12 30.49 13.93
N LEU B 45 -14.87 31.59 14.62
CA LEU B 45 -16.00 32.34 15.13
C LEU B 45 -16.74 33.17 14.10
N GLN B 46 -16.04 33.61 13.07
CA GLN B 46 -16.61 34.44 12.00
C GLN B 46 -17.27 33.74 10.81
N ALA B 47 -16.85 32.49 10.54
CA ALA B 47 -17.38 31.72 9.40
C ALA B 47 -18.55 30.85 9.80
N ARG B 48 -19.57 30.86 8.96
CA ARG B 48 -20.80 30.10 9.20
C ARG B 48 -20.57 28.61 8.99
N ASN B 49 -19.58 28.31 8.15
CA ASN B 49 -19.25 26.95 7.77
C ASN B 49 -18.04 26.28 8.42
N ALA B 50 -17.51 26.88 9.48
CA ALA B 50 -16.32 26.39 10.17
C ALA B 50 -16.47 25.70 11.51
N GLU B 51 -15.56 24.78 11.80
CA GLU B 51 -15.51 24.07 13.10
C GLU B 51 -14.02 24.04 13.43
N TYR B 52 -13.68 24.04 14.72
CA TYR B 52 -12.27 24.11 15.08
C TYR B 52 -12.04 23.65 16.51
N ASN B 53 -11.07 22.76 16.68
CA ASN B 53 -10.67 22.26 18.00
C ASN B 53 -9.21 21.92 17.85
N PRO B 54 -8.33 22.88 18.08
CA PRO B 54 -6.88 22.67 17.96
C PRO B 54 -6.38 21.44 18.71
N LYS B 55 -7.11 21.03 19.75
CA LYS B 55 -6.75 19.83 20.50
C LYS B 55 -6.99 18.63 19.59
N ARG B 56 -8.18 18.56 19.00
CA ARG B 56 -8.55 17.47 18.10
C ARG B 56 -7.82 17.51 16.76
N PHE B 57 -7.57 18.73 16.23
CA PHE B 57 -6.90 18.93 14.94
C PHE B 57 -6.52 20.38 14.80
N ALA B 58 -5.33 20.60 14.26
CA ALA B 58 -4.73 21.92 14.08
C ALA B 58 -5.15 22.65 12.79
N ALA B 59 -6.45 22.78 12.57
CA ALA B 59 -6.95 23.42 11.37
C ALA B 59 -8.43 23.62 11.55
N VAL B 60 -8.99 24.60 10.83
CA VAL B 60 -10.41 24.88 10.84
C VAL B 60 -10.96 24.00 9.71
N ILE B 61 -12.01 23.27 10.05
CA ILE B 61 -12.68 22.37 9.12
C ILE B 61 -13.90 23.11 8.61
N MET B 62 -14.00 23.24 7.30
CA MET B 62 -15.11 23.94 6.68
C MET B 62 -15.76 22.98 5.68
N ARG B 63 -17.05 23.13 5.42
CA ARG B 63 -17.72 22.27 4.46
C ARG B 63 -18.69 23.04 3.59
N ILE B 64 -18.75 22.72 2.30
CA ILE B 64 -19.72 23.35 1.39
C ILE B 64 -20.49 22.20 0.73
N ARG B 65 -21.69 22.51 0.20
CA ARG B 65 -22.51 21.48 -0.42
C ARG B 65 -22.23 21.35 -1.89
N GLU B 66 -21.68 22.40 -2.50
CA GLU B 66 -21.41 22.37 -3.92
C GLU B 66 -20.11 23.04 -4.29
N PRO B 67 -19.09 22.24 -4.64
CA PRO B 67 -19.10 20.76 -4.69
C PRO B 67 -19.08 20.26 -3.22
N LYS B 68 -19.78 19.17 -2.91
CA LYS B 68 -19.86 18.58 -1.56
C LYS B 68 -18.44 18.19 -1.17
N THR B 69 -17.82 19.00 -0.33
CA THR B 69 -16.42 18.78 0.03
C THR B 69 -16.11 19.22 1.45
N THR B 70 -14.86 19.07 1.83
CA THR B 70 -14.41 19.50 3.15
C THR B 70 -13.06 20.14 2.93
N ALA B 71 -12.79 21.24 3.62
CA ALA B 71 -11.50 21.94 3.51
C ALA B 71 -10.91 22.07 4.88
N LEU B 72 -9.59 21.87 4.93
CA LEU B 72 -8.81 21.95 6.15
C LEU B 72 -7.97 23.19 5.93
N ILE B 73 -8.17 24.21 6.76
CA ILE B 73 -7.42 25.46 6.61
C ILE B 73 -6.41 25.57 7.74
N PHE B 74 -5.15 25.61 7.37
CA PHE B 74 -4.08 25.65 8.37
C PHE B 74 -3.64 27.09 8.67
N ALA B 75 -3.15 27.34 9.87
CA ALA B 75 -2.74 28.68 10.26
C ALA B 75 -1.67 29.27 9.37
N SER B 76 -1.00 28.42 8.61
CA SER B 76 0.05 28.88 7.72
C SER B 76 -0.52 29.33 6.40
N GLY B 77 -1.81 29.13 6.23
CA GLY B 77 -2.45 29.47 4.96
C GLY B 77 -2.58 28.28 4.00
N LYS B 78 -2.00 27.13 4.35
CA LYS B 78 -2.10 25.95 3.49
C LYS B 78 -3.52 25.43 3.61
N MET B 79 -4.08 25.04 2.47
CA MET B 79 -5.43 24.50 2.43
C MET B 79 -5.48 23.13 1.75
N VAL B 80 -6.20 22.20 2.37
CA VAL B 80 -6.39 20.86 1.82
C VAL B 80 -7.87 20.73 1.48
N CYS B 81 -8.17 20.33 0.26
CA CYS B 81 -9.57 20.16 -0.16
C CYS B 81 -9.83 18.66 -0.49
N THR B 82 -10.82 18.05 0.16
CA THR B 82 -11.12 16.66 -0.07
C THR B 82 -12.61 16.44 -0.33
N GLY B 83 -12.93 15.32 -0.98
CA GLY B 83 -14.32 14.98 -1.22
C GLY B 83 -14.82 14.94 -2.64
N ALA B 84 -14.25 15.75 -3.53
CA ALA B 84 -14.74 15.73 -4.90
C ALA B 84 -14.52 14.39 -5.58
N LYS B 85 -15.13 14.20 -6.75
CA LYS B 85 -15.02 12.98 -7.54
C LYS B 85 -14.31 13.25 -8.85
N SER B 86 -13.95 14.50 -9.09
CA SER B 86 -13.23 14.81 -10.31
C SER B 86 -12.26 15.94 -9.98
N GLU B 87 -11.25 16.12 -10.83
CA GLU B 87 -10.26 17.13 -10.64
C GLU B 87 -10.84 18.53 -10.72
N ASP B 88 -11.71 18.75 -11.70
CA ASP B 88 -12.38 20.04 -11.89
C ASP B 88 -13.19 20.47 -10.67
N PHE B 89 -14.05 19.58 -10.18
CA PHE B 89 -14.85 19.93 -9.02
C PHE B 89 -14.02 20.13 -7.76
N SER B 90 -12.83 19.52 -7.71
CA SER B 90 -11.96 19.68 -6.58
C SER B 90 -11.43 21.11 -6.65
N LYS B 91 -10.94 21.50 -7.83
CA LYS B 91 -10.42 22.84 -7.99
C LYS B 91 -11.52 23.91 -7.80
N MET B 92 -12.70 23.63 -8.37
CA MET B 92 -13.85 24.49 -8.26
C MET B 92 -14.08 24.75 -6.78
N ALA B 93 -14.12 23.67 -5.98
CA ALA B 93 -14.31 23.77 -4.54
C ALA B 93 -13.20 24.56 -3.84
N ALA B 94 -11.96 24.32 -4.23
CA ALA B 94 -10.86 25.02 -3.61
C ALA B 94 -11.05 26.52 -3.78
N ARG B 95 -11.53 26.92 -4.96
CA ARG B 95 -11.78 28.32 -5.30
C ARG B 95 -12.85 28.92 -4.42
N LYS B 96 -13.91 28.18 -4.21
CA LYS B 96 -15.00 28.66 -3.38
C LYS B 96 -14.56 28.86 -1.91
N TYR B 97 -13.77 27.93 -1.38
CA TYR B 97 -13.32 28.04 0.00
C TYR B 97 -12.46 29.28 0.11
N ALA B 98 -11.58 29.46 -0.86
CA ALA B 98 -10.70 30.63 -0.87
C ALA B 98 -11.53 31.93 -0.86
N ARG B 99 -12.61 31.94 -1.61
CA ARG B 99 -13.47 33.11 -1.68
C ARG B 99 -14.19 33.35 -0.38
N ILE B 100 -14.59 32.28 0.31
CA ILE B 100 -15.29 32.40 1.60
C ILE B 100 -14.39 33.10 2.62
N VAL B 101 -13.12 32.67 2.67
CA VAL B 101 -12.11 33.19 3.58
C VAL B 101 -11.81 34.66 3.27
N GLN B 102 -11.82 35.00 1.97
CA GLN B 102 -11.61 36.39 1.48
C GLN B 102 -12.77 37.27 1.99
N LYS B 103 -13.98 36.76 1.83
CA LYS B 103 -15.20 37.42 2.23
C LYS B 103 -15.05 37.65 3.72
N LEU B 104 -14.36 36.76 4.41
CA LEU B 104 -14.17 36.92 5.85
C LEU B 104 -13.15 38.00 6.20
N GLY B 105 -12.64 38.64 5.16
CA GLY B 105 -11.67 39.68 5.42
C GLY B 105 -10.23 39.26 5.42
N PHE B 106 -9.91 38.01 5.12
CA PHE B 106 -8.48 37.63 5.08
C PHE B 106 -7.88 37.81 3.69
N PRO B 107 -6.63 38.27 3.63
CA PRO B 107 -5.93 38.49 2.37
C PRO B 107 -5.51 37.19 1.68
N ALA B 108 -6.44 36.26 1.52
CA ALA B 108 -6.16 34.97 0.91
C ALA B 108 -5.99 35.06 -0.60
N LYS B 109 -5.13 34.20 -1.13
CA LYS B 109 -4.84 34.10 -2.58
C LYS B 109 -5.09 32.63 -3.06
N PHE B 110 -4.74 32.30 -4.29
CA PHE B 110 -4.95 30.93 -4.78
C PHE B 110 -3.61 30.53 -5.38
N LYS B 111 -2.63 30.28 -4.52
CA LYS B 111 -1.29 29.93 -4.97
C LYS B 111 -0.95 28.44 -5.04
N ASP B 112 -0.32 28.05 -6.14
CA ASP B 112 0.12 26.68 -6.33
C ASP B 112 -0.88 25.55 -6.09
N PHE B 113 -2.06 25.66 -6.70
CA PHE B 113 -3.08 24.63 -6.59
C PHE B 113 -2.50 23.34 -7.17
N LYS B 114 -2.61 22.23 -6.44
CA LYS B 114 -2.12 20.93 -6.91
C LYS B 114 -3.07 19.80 -6.52
N ILE B 115 -3.07 18.75 -7.32
CA ILE B 115 -3.81 17.53 -7.03
C ILE B 115 -2.76 16.70 -6.25
N GLN B 116 -3.03 16.43 -4.97
CA GLN B 116 -2.12 15.63 -4.17
C GLN B 116 -2.41 14.11 -4.30
N ASN B 117 -3.68 13.73 -4.46
CA ASN B 117 -4.03 12.33 -4.54
C ASN B 117 -5.38 12.09 -5.17
N ILE B 118 -5.48 11.00 -5.95
CA ILE B 118 -6.73 10.60 -6.58
C ILE B 118 -6.92 9.15 -6.22
N VAL B 119 -8.08 8.79 -5.65
CA VAL B 119 -8.43 7.42 -5.31
C VAL B 119 -9.56 6.94 -6.25
N GLY B 120 -9.31 5.83 -6.95
CA GLY B 120 -10.27 5.24 -7.88
C GLY B 120 -10.64 3.82 -7.46
N SER B 121 -11.74 3.32 -8.00
CA SER B 121 -12.16 1.96 -7.69
C SER B 121 -12.59 1.35 -8.99
N CYS B 122 -12.67 0.04 -8.99
CA CYS B 122 -13.05 -0.69 -10.18
C CYS B 122 -13.51 -2.09 -9.77
N ASP B 123 -14.39 -2.68 -10.57
CA ASP B 123 -14.88 -4.01 -10.28
C ASP B 123 -14.77 -4.86 -11.54
N VAL B 124 -13.80 -5.76 -11.58
CA VAL B 124 -13.65 -6.58 -12.77
C VAL B 124 -14.69 -7.69 -12.85
N LYS B 125 -15.41 -7.87 -11.75
CA LYS B 125 -16.52 -8.82 -11.64
C LYS B 125 -16.25 -10.32 -11.73
N PHE B 126 -15.02 -10.72 -11.41
CA PHE B 126 -14.61 -12.12 -11.34
C PHE B 126 -13.65 -12.21 -10.17
N PRO B 127 -13.76 -13.29 -9.38
CA PRO B 127 -12.92 -13.54 -8.21
C PRO B 127 -11.47 -13.70 -8.62
N ILE B 128 -10.54 -13.38 -7.73
CA ILE B 128 -9.14 -13.49 -8.11
C ILE B 128 -8.43 -14.42 -7.14
N ARG B 129 -7.54 -15.24 -7.66
CA ARG B 129 -6.74 -16.15 -6.85
C ARG B 129 -5.52 -15.31 -6.42
N LEU B 130 -5.68 -14.61 -5.32
CA LEU B 130 -4.66 -13.68 -4.77
C LEU B 130 -3.36 -14.32 -4.35
N GLU B 131 -3.45 -15.53 -3.81
CA GLU B 131 -2.25 -16.25 -3.38
C GLU B 131 -1.28 -16.51 -4.55
N GLY B 132 -1.82 -16.97 -5.67
CA GLY B 132 -0.98 -17.24 -6.82
C GLY B 132 -0.49 -15.98 -7.44
N LEU B 133 -1.34 -14.96 -7.44
CA LEU B 133 -0.95 -13.67 -8.01
C LEU B 133 0.27 -13.16 -7.26
N ALA B 134 0.17 -13.17 -5.92
CA ALA B 134 1.28 -12.74 -5.04
C ALA B 134 2.57 -13.53 -5.26
N TYR B 135 2.48 -14.86 -5.25
CA TYR B 135 3.64 -15.75 -5.49
C TYR B 135 4.35 -15.42 -6.82
N SER B 136 3.54 -15.13 -7.82
CA SER B 136 4.08 -14.83 -9.14
C SER B 136 4.57 -13.39 -9.35
N HIS B 137 4.25 -12.50 -8.41
CA HIS B 137 4.67 -11.09 -8.51
C HIS B 137 5.19 -10.63 -7.17
N ALA B 138 6.06 -11.46 -6.59
CA ALA B 138 6.67 -11.27 -5.28
C ALA B 138 7.28 -9.93 -5.02
N ALA B 139 7.95 -9.37 -6.02
CA ALA B 139 8.60 -8.08 -5.86
C ALA B 139 7.64 -6.89 -5.68
N PHE B 140 6.34 -7.06 -5.94
CA PHE B 140 5.39 -5.94 -5.81
C PHE B 140 4.15 -6.21 -4.99
N SER B 141 3.95 -7.48 -4.68
CA SER B 141 2.77 -7.95 -3.95
C SER B 141 2.98 -8.31 -2.51
N SER B 142 1.99 -7.99 -1.69
CA SER B 142 1.99 -8.34 -0.30
C SER B 142 0.59 -8.86 -0.07
N TYR B 143 0.49 -10.12 0.34
CA TYR B 143 -0.80 -10.77 0.58
C TYR B 143 -0.54 -11.54 1.88
N GLU B 144 -1.16 -11.12 2.97
CA GLU B 144 -0.95 -11.71 4.30
C GLU B 144 -2.27 -11.63 5.03
N PRO B 145 -3.20 -12.56 4.73
CA PRO B 145 -4.56 -12.69 5.26
C PRO B 145 -4.75 -12.48 6.74
N GLU B 146 -3.77 -12.87 7.52
CA GLU B 146 -3.84 -12.73 8.96
C GLU B 146 -3.60 -11.30 9.42
N LEU B 147 -2.89 -10.53 8.59
CA LEU B 147 -2.57 -9.15 8.95
C LEU B 147 -3.44 -8.08 8.31
N PHE B 148 -3.96 -8.33 7.11
CA PHE B 148 -4.83 -7.38 6.40
C PHE B 148 -5.63 -8.09 5.28
N PRO B 149 -6.77 -7.53 4.85
CA PRO B 149 -7.50 -8.20 3.77
C PRO B 149 -7.01 -7.77 2.41
N GLY B 150 -7.11 -8.62 1.40
CA GLY B 150 -6.68 -8.19 0.07
C GLY B 150 -5.18 -8.15 -0.18
N LEU B 151 -4.82 -7.86 -1.42
CA LEU B 151 -3.44 -7.82 -1.82
C LEU B 151 -3.00 -6.39 -2.14
N ILE B 152 -1.82 -6.02 -1.64
CA ILE B 152 -1.22 -4.73 -1.81
C ILE B 152 -0.19 -4.81 -2.91
N TYR B 153 -0.35 -4.00 -3.94
CA TYR B 153 0.55 -4.01 -5.06
C TYR B 153 1.21 -2.64 -5.24
N ARG B 154 2.52 -2.56 -5.05
CA ARG B 154 3.26 -1.31 -5.19
C ARG B 154 3.74 -1.14 -6.63
N MET B 155 2.99 -0.37 -7.42
CA MET B 155 3.35 -0.14 -8.81
C MET B 155 4.42 0.95 -8.91
N LYS B 156 5.38 0.73 -9.78
CA LYS B 156 6.49 1.66 -9.98
C LYS B 156 6.10 2.74 -10.96
N VAL B 157 5.61 2.34 -12.12
CA VAL B 157 5.21 3.31 -13.13
C VAL B 157 3.84 3.00 -13.71
N PRO B 158 2.83 3.80 -13.37
CA PRO B 158 2.96 4.97 -12.50
C PRO B 158 3.20 4.60 -11.03
N LYS B 159 3.55 5.59 -10.21
CA LYS B 159 3.78 5.34 -8.79
C LYS B 159 2.41 5.21 -8.21
N ILE B 160 1.91 3.98 -8.17
CA ILE B 160 0.54 3.73 -7.70
C ILE B 160 0.49 2.56 -6.72
N VAL B 161 -0.41 2.59 -5.72
CA VAL B 161 -0.55 1.42 -4.85
C VAL B 161 -1.96 0.90 -5.09
N LEU B 162 -2.06 -0.39 -5.41
CA LEU B 162 -3.34 -1.02 -5.65
C LEU B 162 -3.69 -2.04 -4.57
N LEU B 163 -4.98 -2.11 -4.21
CA LEU B 163 -5.51 -3.07 -3.26
C LEU B 163 -6.41 -3.93 -4.11
N ILE B 164 -6.10 -5.21 -4.18
CA ILE B 164 -6.84 -6.19 -5.00
C ILE B 164 -7.58 -7.10 -4.04
N PHE B 165 -8.89 -7.19 -4.18
CA PHE B 165 -9.65 -7.95 -3.19
C PHE B 165 -9.99 -9.40 -3.17
N VAL B 166 -10.23 -10.03 -4.31
CA VAL B 166 -10.57 -11.48 -4.37
C VAL B 166 -11.93 -11.58 -4.96
N SER B 167 -12.82 -10.69 -4.51
CA SER B 167 -14.16 -10.57 -5.05
C SER B 167 -14.00 -9.96 -6.45
N GLY B 168 -12.90 -9.27 -6.68
CA GLY B 168 -12.64 -8.66 -7.97
C GLY B 168 -12.65 -7.16 -7.85
N LYS B 169 -13.01 -6.66 -6.66
CA LYS B 169 -13.02 -5.23 -6.43
C LYS B 169 -11.56 -4.75 -6.25
N ILE B 170 -11.20 -3.69 -7.00
CA ILE B 170 -9.87 -3.09 -7.07
C ILE B 170 -9.94 -1.61 -6.62
N VAL B 171 -9.03 -1.20 -5.72
CA VAL B 171 -8.89 0.18 -5.25
C VAL B 171 -7.53 0.66 -5.79
N ILE B 172 -7.48 1.80 -6.46
CA ILE B 172 -6.27 2.30 -7.08
C ILE B 172 -5.96 3.62 -6.39
N THR B 173 -4.88 3.71 -5.61
CA THR B 173 -4.56 4.95 -4.89
C THR B 173 -3.24 5.62 -5.26
N GLY B 174 -3.10 6.90 -4.94
CA GLY B 174 -1.85 7.60 -5.20
C GLY B 174 -1.65 8.38 -6.48
N ALA B 175 -2.60 8.35 -7.39
CA ALA B 175 -2.46 9.09 -8.65
C ALA B 175 -2.49 10.58 -8.42
N LYS B 176 -1.75 11.31 -9.25
CA LYS B 176 -1.70 12.77 -9.21
C LYS B 176 -2.52 13.27 -10.41
N MET B 177 -2.92 12.33 -11.26
CA MET B 177 -3.71 12.59 -12.46
C MET B 177 -4.55 11.36 -12.81
N ARG B 178 -5.74 11.61 -13.33
CA ARG B 178 -6.73 10.61 -13.77
C ARG B 178 -6.06 9.56 -14.64
N ASP B 179 -5.22 9.99 -15.55
CA ASP B 179 -4.53 9.09 -16.48
C ASP B 179 -3.66 8.01 -15.84
N GLU B 180 -3.10 8.34 -14.66
CA GLU B 180 -2.27 7.39 -13.91
C GLU B 180 -3.16 6.30 -13.34
N THR B 181 -4.32 6.68 -12.81
CA THR B 181 -5.30 5.74 -12.25
C THR B 181 -5.70 4.73 -13.34
N TYR B 182 -6.01 5.23 -14.53
CA TYR B 182 -6.41 4.40 -15.66
C TYR B 182 -5.28 3.53 -16.10
N LYS B 183 -4.10 4.11 -16.28
CA LYS B 183 -2.95 3.31 -16.71
C LYS B 183 -2.59 2.23 -15.73
N ALA B 184 -2.60 2.56 -14.45
CA ALA B 184 -2.28 1.59 -13.40
C ALA B 184 -3.19 0.38 -13.53
N PHE B 185 -4.49 0.63 -13.66
CA PHE B 185 -5.46 -0.46 -13.77
C PHE B 185 -5.25 -1.23 -15.08
N GLU B 186 -4.88 -0.54 -16.15
CA GLU B 186 -4.65 -1.19 -17.43
C GLU B 186 -3.42 -2.11 -17.33
N ASN B 187 -2.38 -1.65 -16.64
CA ASN B 187 -1.17 -2.43 -16.42
C ASN B 187 -1.42 -3.70 -15.62
N ILE B 188 -2.28 -3.63 -14.63
CA ILE B 188 -2.55 -4.82 -13.84
C ILE B 188 -3.69 -5.70 -14.37
N TYR B 189 -4.50 -5.20 -15.32
CA TYR B 189 -5.64 -6.01 -15.80
C TYR B 189 -5.30 -7.40 -16.37
N PRO B 190 -4.28 -7.49 -17.24
CA PRO B 190 -3.86 -8.78 -17.80
C PRO B 190 -3.57 -9.78 -16.64
N VAL B 191 -2.85 -9.29 -15.63
CA VAL B 191 -2.47 -10.06 -14.44
C VAL B 191 -3.71 -10.53 -13.70
N LEU B 192 -4.68 -9.64 -13.56
CA LEU B 192 -5.90 -10.00 -12.85
C LEU B 192 -6.63 -11.10 -13.62
N SER B 193 -6.65 -10.97 -14.94
CA SER B 193 -7.29 -11.97 -15.80
C SER B 193 -6.57 -13.31 -15.64
N GLU B 194 -5.25 -13.26 -15.71
CA GLU B 194 -4.43 -14.46 -15.58
C GLU B 194 -4.72 -15.24 -14.32
N PHE B 195 -5.11 -14.56 -13.24
CA PHE B 195 -5.38 -15.24 -11.97
C PHE B 195 -6.83 -15.34 -11.57
N ARG B 196 -7.68 -15.26 -12.57
CA ARG B 196 -9.11 -15.36 -12.40
C ARG B 196 -9.42 -16.79 -12.12
N LYS B 197 -10.29 -17.04 -11.14
CA LYS B 197 -10.75 -18.40 -10.85
C LYS B 197 -11.76 -18.51 -12.02
N ILE B 198 -11.25 -19.00 -13.16
CA ILE B 198 -12.00 -19.07 -14.43
C ILE B 198 -13.49 -19.24 -14.48
N GLN B 199 -14.10 -18.24 -15.13
CA GLN B 199 -15.54 -18.11 -15.36
C GLN B 199 -16.40 -18.13 -14.09
S SO4 C . -23.20 25.65 -0.25
O1 SO4 C . -24.61 25.82 -0.36
O2 SO4 C . -22.90 24.96 0.97
O3 SO4 C . -22.72 24.91 -1.37
O4 SO4 C . -22.56 26.94 -0.20
#